data_8HEZ
#
_entry.id   8HEZ
#
_cell.length_a   1.00
_cell.length_b   1.00
_cell.length_c   1.00
_cell.angle_alpha   90.00
_cell.angle_beta   90.00
_cell.angle_gamma   90.00
#
_symmetry.space_group_name_H-M   'P 1'
#
loop_
_entity.id
_entity.type
_entity.pdbx_description
1 polymer 'Sodium/glucose cotransporter 2'
2 polymer 'PDZK1-interacting protein 1'
3 non-polymer 2-acetamido-2-deoxy-beta-D-glucopyranose
4 non-polymer (2S,3R,4R,5S,6R)-2-[4-chloranyl-3-[(4-ethoxyphenyl)methyl]phenyl]-6-(hydroxymethyl)oxane-3,4,5-triol
5 non-polymer 'SODIUM ION'
6 water water
#
loop_
_entity_poly.entity_id
_entity_poly.type
_entity_poly.pdbx_seq_one_letter_code
_entity_poly.pdbx_strand_id
1 'polypeptide(L)'
;GPGSMEEHTEAGSAPEMGAQKALIDNPADILVIAAYFLLVIGVGLWSMCRTNRGTVGGYFLAGRSMVWWPVGASLFASNI
GSGHFVGLAGTGAASGLAVAGFEWNALFVVLLLGWLFAPVYLTAGVITMPQYLRKRFGGRRIRLYLSVLSLFLYIFTKIS
VDMFSGAVFIQQALGWNIYASVIALLGITMIYTVTGGLAALMYTDTVQTFVILGGACILMGYAFHEVGGYSGLFDKYLGA
ATSLTVSEDPAVGNISSFCYRPRPDSYHLLRHPVTGDLPWPALLLGLTIVSGWYWCSDQVIVQRCLAGKSLTHIKAGCIL
CGYLKLTPMFLMVMPGMISRILYPDEVACVVPEVCRRVCGTEVGCSNIAYPRLVVKLMPNGLRGLMLAVMLAALMSSLAS
IFNSSSTLFTMDIYTRLRPRAGDRELLLVGRLWVVFIVVVSVAWLPVVQAAQGGQLFDYIQAVSSYLAPPVSAVFVLALF
VPRVNEQGAFWGLIGGLLMGLARLIPEFSFGSGSCVQPSACPAFLCGVHYLYFAIVLFFCSGLLTLTVSLCTAPIPRKHL
HRLVFSLRHSKEEREDLDADEQQGSSLPVQNGCPESAMEMNEPQAPAPSLFRQCLLWFCGMSRGGVGSPPPLTQEEAAAA
ARRLEDISEDPSWARVVNLNALLMMAVAVFLWGFYA
;
A
2 'polypeptide(L)'
;MSALSLLILGLLTAVPPASCQQGLGNLQPWMQGLIAVAVFLVLVAIAFAVNHFWCQEEPEPAHMILTVGNKADGVLVGTD
GRYSSMAASFRSSEHENAYENVPEEEGKVRSTPM
;
B
#
# COMPACT_ATOMS: atom_id res chain seq x y z
N ASP A 25 -23.87 -0.86 -21.29
CA ASP A 25 -24.90 -1.30 -22.31
C ASP A 25 -24.72 -0.58 -23.66
N ASN A 26 -24.19 0.66 -23.70
CA ASN A 26 -23.77 1.34 -24.96
C ASN A 26 -22.56 0.58 -25.51
N PRO A 27 -22.53 0.15 -26.81
CA PRO A 27 -21.42 -0.62 -27.38
C PRO A 27 -19.97 -0.20 -27.04
N ALA A 28 -19.72 1.10 -26.98
CA ALA A 28 -18.40 1.75 -26.73
C ALA A 28 -17.76 1.26 -25.41
N ASP A 29 -18.56 1.08 -24.36
CA ASP A 29 -18.09 0.52 -23.06
C ASP A 29 -17.58 -0.92 -23.21
N ILE A 30 -18.34 -1.77 -23.91
CA ILE A 30 -18.01 -3.21 -24.10
C ILE A 30 -16.75 -3.29 -24.98
N LEU A 31 -16.64 -2.46 -26.02
CA LEU A 31 -15.43 -2.39 -26.87
C LEU A 31 -14.19 -1.97 -26.07
N VAL A 32 -14.29 -0.97 -25.20
CA VAL A 32 -13.13 -0.52 -24.36
C VAL A 32 -12.72 -1.65 -23.42
N ILE A 33 -13.67 -2.32 -22.77
CA ILE A 33 -13.37 -3.42 -21.81
C ILE A 33 -12.74 -4.61 -22.55
N ALA A 34 -13.27 -4.96 -23.72
CA ALA A 34 -12.74 -6.02 -24.60
C ALA A 34 -11.31 -5.66 -25.03
N ALA A 35 -11.06 -4.42 -25.43
CA ALA A 35 -9.72 -3.94 -25.84
C ALA A 35 -8.73 -4.04 -24.68
N TYR A 36 -9.17 -3.70 -23.47
CA TYR A 36 -8.36 -3.85 -22.23
C TYR A 36 -8.03 -5.34 -22.01
N PHE A 37 -9.02 -6.24 -22.12
CA PHE A 37 -8.81 -7.70 -21.93
C PHE A 37 -7.85 -8.23 -23.00
N LEU A 38 -8.05 -7.86 -24.26
CA LEU A 38 -7.12 -8.18 -25.38
C LEU A 38 -5.67 -7.69 -25.07
N LEU A 39 -5.48 -6.50 -24.50
CA LEU A 39 -4.12 -6.01 -24.10
C LEU A 39 -3.52 -6.93 -23.04
N VAL A 40 -4.30 -7.28 -22.03
CA VAL A 40 -3.85 -8.10 -20.86
C VAL A 40 -3.54 -9.53 -21.34
N ILE A 41 -4.44 -10.20 -22.08
CA ILE A 41 -4.21 -11.51 -22.75
C ILE A 41 -2.92 -11.40 -23.60
N GLY A 42 -2.82 -10.40 -24.47
CA GLY A 42 -1.72 -10.21 -25.43
C GLY A 42 -0.34 -10.07 -24.78
N VAL A 43 -0.22 -9.28 -23.72
CA VAL A 43 1.07 -9.07 -22.99
C VAL A 43 1.41 -10.32 -22.18
N GLY A 44 0.40 -11.00 -21.61
CA GLY A 44 0.53 -12.31 -20.96
C GLY A 44 1.09 -13.35 -21.91
N LEU A 45 0.51 -13.49 -23.11
CA LEU A 45 0.98 -14.45 -24.16
C LEU A 45 2.39 -14.13 -24.62
N TRP A 46 2.74 -12.86 -24.76
CA TRP A 46 4.10 -12.44 -25.18
C TRP A 46 5.10 -12.84 -24.11
N SER A 47 4.78 -12.62 -22.84
CA SER A 47 5.62 -13.00 -21.67
C SER A 47 5.79 -14.53 -21.58
N MET A 48 4.71 -15.30 -21.78
CA MET A 48 4.75 -16.79 -21.72
C MET A 48 5.58 -17.35 -22.88
N CYS A 49 5.47 -16.78 -24.09
CA CYS A 49 6.34 -17.11 -25.27
C CYS A 49 7.83 -16.80 -24.95
N ARG A 50 8.11 -15.71 -24.22
CA ARG A 50 9.48 -15.19 -23.97
C ARG A 50 10.12 -16.01 -22.84
N THR A 51 9.52 -15.98 -21.65
CA THR A 51 10.14 -16.44 -20.37
C THR A 51 9.96 -17.96 -20.19
N ASN A 52 10.76 -18.52 -19.28
CA ASN A 52 10.65 -19.91 -18.76
C ASN A 52 9.85 -19.88 -17.46
N ARG A 53 8.74 -20.63 -17.39
CA ARG A 53 7.88 -20.80 -16.18
C ARG A 53 7.94 -22.23 -15.65
N GLY A 54 8.85 -23.09 -16.17
CA GLY A 54 9.05 -24.47 -15.74
C GLY A 54 9.82 -24.58 -14.44
N THR A 55 10.60 -23.55 -14.07
CA THR A 55 11.46 -23.53 -12.85
C THR A 55 10.87 -22.55 -11.81
N VAL A 56 11.26 -22.77 -10.55
CA VAL A 56 10.90 -21.96 -9.35
C VAL A 56 11.43 -20.53 -9.55
N GLY A 57 12.68 -20.39 -9.96
CA GLY A 57 13.30 -19.10 -10.27
C GLY A 57 12.45 -18.29 -11.24
N GLY A 58 12.02 -18.93 -12.33
CA GLY A 58 11.30 -18.31 -13.45
C GLY A 58 9.94 -17.88 -12.99
N TYR A 59 9.16 -18.82 -12.48
CA TYR A 59 7.76 -18.61 -12.06
C TYR A 59 7.62 -17.66 -10.87
N PHE A 60 8.54 -17.67 -9.92
CA PHE A 60 8.39 -16.89 -8.66
C PHE A 60 9.30 -15.66 -8.66
N LEU A 61 10.36 -15.60 -9.44
CA LEU A 61 11.28 -14.43 -9.43
C LEU A 61 11.49 -13.92 -10.85
N ALA A 62 10.67 -14.33 -11.84
CA ALA A 62 10.68 -13.77 -13.20
C ALA A 62 12.07 -13.96 -13.83
N GLY A 63 12.82 -14.99 -13.41
CA GLY A 63 14.21 -15.24 -13.80
C GLY A 63 15.24 -14.25 -13.25
N ARG A 64 14.89 -13.35 -12.33
CA ARG A 64 15.69 -12.15 -11.91
C ARG A 64 16.23 -11.44 -13.17
N SER A 65 15.31 -11.12 -14.07
CA SER A 65 15.56 -10.61 -15.43
C SER A 65 14.76 -9.33 -15.70
N MET A 66 14.17 -8.72 -14.69
CA MET A 66 13.22 -7.61 -14.91
C MET A 66 14.06 -6.34 -14.88
N VAL A 67 13.87 -5.52 -15.89
CA VAL A 67 14.51 -4.20 -16.05
C VAL A 67 13.68 -3.18 -15.27
N TRP A 68 14.11 -1.94 -15.25
CA TRP A 68 13.61 -0.87 -14.33
C TRP A 68 12.12 -0.62 -14.60
N TRP A 69 11.67 -0.50 -15.85
CA TRP A 69 10.29 -0.02 -16.15
C TRP A 69 9.23 -1.06 -15.72
N PRO A 70 9.33 -2.41 -15.92
CA PRO A 70 8.40 -3.32 -15.25
C PRO A 70 8.58 -3.31 -13.73
N VAL A 71 9.79 -3.13 -13.19
CA VAL A 71 9.97 -3.11 -11.73
C VAL A 71 9.11 -1.93 -11.23
N GLY A 72 9.31 -0.73 -11.75
CA GLY A 72 8.60 0.48 -11.31
C GLY A 72 7.11 0.37 -11.49
N ALA A 73 6.65 0.05 -12.67
CA ALA A 73 5.22 -0.14 -13.01
C ALA A 73 4.55 -1.23 -12.15
N SER A 74 5.27 -2.30 -11.87
CA SER A 74 4.76 -3.42 -11.06
C SER A 74 4.69 -3.04 -9.57
N LEU A 75 5.66 -2.30 -9.06
CA LEU A 75 5.61 -1.75 -7.70
C LEU A 75 4.37 -0.88 -7.54
N PHE A 76 4.19 0.02 -8.48
CA PHE A 76 3.04 0.92 -8.59
C PHE A 76 1.74 0.13 -8.67
N ALA A 77 1.58 -0.72 -9.67
CA ALA A 77 0.33 -1.46 -9.95
C ALA A 77 0.06 -2.48 -8.85
N SER A 78 1.04 -3.17 -8.26
CA SER A 78 0.78 -4.09 -7.12
C SER A 78 0.26 -3.28 -5.91
N ASN A 79 0.64 -2.00 -5.81
CA ASN A 79 0.27 -1.14 -4.67
C ASN A 79 -1.10 -0.50 -4.91
N ILE A 80 -1.32 0.21 -5.99
CA ILE A 80 -2.60 0.93 -6.27
C ILE A 80 -3.69 -0.06 -6.64
N GLY A 81 -4.67 -0.29 -5.79
CA GLY A 81 -5.86 -1.09 -6.07
C GLY A 81 -7.08 -0.24 -6.18
N SER A 82 -8.23 -0.90 -6.21
CA SER A 82 -9.58 -0.28 -6.15
C SER A 82 -9.75 0.50 -4.85
N GLY A 83 -9.13 0.05 -3.76
CA GLY A 83 -9.07 0.73 -2.45
C GLY A 83 -8.53 2.13 -2.50
N HIS A 84 -7.59 2.41 -3.40
CA HIS A 84 -6.94 3.73 -3.52
C HIS A 84 -7.92 4.69 -4.19
N PHE A 85 -8.67 4.26 -5.19
CA PHE A 85 -9.75 5.07 -5.80
C PHE A 85 -10.87 5.33 -4.80
N VAL A 86 -11.38 4.29 -4.16
CA VAL A 86 -12.55 4.40 -3.26
C VAL A 86 -12.12 5.09 -1.97
N GLY A 87 -11.07 4.59 -1.35
CA GLY A 87 -10.62 5.05 -0.04
C GLY A 87 -10.10 6.45 -0.06
N LEU A 88 -9.21 6.78 -0.98
CA LEU A 88 -8.52 8.08 -0.97
C LEU A 88 -9.49 9.15 -1.42
N ALA A 89 -10.31 8.88 -2.42
CA ALA A 89 -11.32 9.85 -2.89
C ALA A 89 -12.35 10.02 -1.77
N GLY A 90 -12.75 8.94 -1.13
CA GLY A 90 -13.75 9.02 -0.05
C GLY A 90 -13.23 9.79 1.11
N THR A 91 -11.99 9.53 1.50
CA THR A 91 -11.37 10.25 2.63
C THR A 91 -11.08 11.67 2.21
N GLY A 92 -10.70 11.90 0.96
CA GLY A 92 -10.66 13.24 0.34
C GLY A 92 -11.95 13.99 0.60
N ALA A 93 -13.05 13.38 0.22
CA ALA A 93 -14.42 13.90 0.36
C ALA A 93 -14.72 14.21 1.83
N ALA A 94 -14.46 13.26 2.71
CA ALA A 94 -14.78 13.36 4.14
C ALA A 94 -13.90 14.40 4.83
N SER A 95 -12.59 14.38 4.56
CA SER A 95 -11.54 14.94 5.46
C SER A 95 -10.51 15.82 4.76
N GLY A 96 -10.58 16.05 3.46
CA GLY A 96 -9.61 16.89 2.74
C GLY A 96 -8.35 16.12 2.43
N LEU A 97 -7.23 16.81 2.23
CA LEU A 97 -6.15 16.26 1.36
C LEU A 97 -4.97 15.63 2.14
N ALA A 98 -5.04 15.37 3.45
CA ALA A 98 -3.92 14.80 4.25
C ALA A 98 -3.73 13.29 4.05
N VAL A 99 -4.75 12.53 3.60
CA VAL A 99 -4.56 11.14 3.09
C VAL A 99 -3.56 11.01 1.94
N ALA A 100 -3.30 12.07 1.21
CA ALA A 100 -2.20 12.08 0.24
C ALA A 100 -0.91 11.65 0.96
N GLY A 101 -0.76 12.02 2.25
CA GLY A 101 0.27 11.52 3.18
C GLY A 101 0.50 10.01 3.02
N PHE A 102 -0.57 9.20 3.06
CA PHE A 102 -0.46 7.72 2.89
C PHE A 102 0.36 7.42 1.65
N GLU A 103 0.00 8.03 0.53
CA GLU A 103 0.68 7.79 -0.78
C GLU A 103 2.08 8.41 -0.80
N TRP A 104 2.19 9.64 -0.36
CA TRP A 104 3.41 10.46 -0.46
C TRP A 104 4.54 9.98 0.47
N ASN A 105 4.17 9.41 1.60
CA ASN A 105 5.11 8.71 2.51
C ASN A 105 5.93 7.74 1.67
N ALA A 106 5.22 6.97 0.83
CA ALA A 106 5.79 5.85 0.07
C ALA A 106 6.99 6.39 -0.64
N LEU A 107 6.90 7.59 -1.22
CA LEU A 107 8.01 8.11 -2.03
C LEU A 107 9.34 7.90 -1.29
N PHE A 108 9.49 8.44 -0.09
CA PHE A 108 10.78 8.39 0.65
C PHE A 108 11.16 6.93 0.99
N VAL A 109 10.19 6.13 1.40
CA VAL A 109 10.40 4.72 1.85
C VAL A 109 10.81 3.84 0.65
N VAL A 110 10.45 4.17 -0.59
CA VAL A 110 10.88 3.36 -1.77
C VAL A 110 12.36 3.65 -2.03
N LEU A 111 12.83 4.85 -1.70
CA LEU A 111 14.29 5.08 -1.73
C LEU A 111 14.94 4.21 -0.65
N LEU A 112 14.34 3.98 0.53
CA LEU A 112 14.94 3.04 1.53
C LEU A 112 15.01 1.65 0.92
N LEU A 113 14.00 1.22 0.18
CA LEU A 113 13.96 -0.15 -0.43
C LEU A 113 15.11 -0.29 -1.45
N GLY A 114 15.23 0.63 -2.40
CA GLY A 114 16.26 0.56 -3.45
C GLY A 114 17.69 0.75 -2.95
N TRP A 115 17.96 1.58 -1.95
CA TRP A 115 19.35 1.91 -1.52
C TRP A 115 19.79 1.17 -0.26
N LEU A 116 18.88 0.75 0.61
CA LEU A 116 19.26 0.06 1.88
C LEU A 116 18.85 -1.40 1.84
N PHE A 117 17.60 -1.70 1.55
CA PHE A 117 17.02 -3.05 1.80
C PHE A 117 17.33 -3.96 0.61
N ALA A 118 17.11 -3.49 -0.61
CA ALA A 118 17.25 -4.31 -1.83
C ALA A 118 18.70 -4.79 -2.00
N PRO A 119 19.76 -3.99 -1.83
CA PRO A 119 21.13 -4.50 -1.86
C PRO A 119 21.34 -5.73 -0.97
N VAL A 120 20.84 -5.68 0.28
CA VAL A 120 21.01 -6.79 1.25
C VAL A 120 20.23 -8.02 0.76
N TYR A 121 19.04 -7.88 0.25
CA TYR A 121 18.21 -9.01 -0.24
C TYR A 121 18.80 -9.59 -1.53
N LEU A 122 19.48 -8.78 -2.34
CA LEU A 122 20.20 -9.31 -3.52
C LEU A 122 21.46 -10.06 -3.10
N THR A 123 22.23 -9.55 -2.15
CA THR A 123 23.49 -10.22 -1.72
C THR A 123 23.16 -11.46 -0.90
N ALA A 124 21.96 -11.61 -0.36
CA ALA A 124 21.55 -12.78 0.44
C ALA A 124 20.97 -13.88 -0.43
N GLY A 125 20.51 -13.56 -1.64
CA GLY A 125 19.97 -14.57 -2.59
C GLY A 125 18.70 -15.21 -2.07
N VAL A 126 17.79 -14.39 -1.57
CA VAL A 126 16.52 -14.85 -0.94
C VAL A 126 15.43 -14.86 -2.01
N ILE A 127 14.50 -15.78 -1.92
CA ILE A 127 13.26 -15.76 -2.72
C ILE A 127 12.16 -15.08 -1.90
N THR A 128 12.20 -15.15 -0.56
CA THR A 128 11.17 -14.59 0.35
C THR A 128 11.85 -13.87 1.50
N MET A 129 11.11 -12.98 2.14
CA MET A 129 11.57 -12.14 3.26
C MET A 129 11.61 -12.94 4.55
N PRO A 130 10.69 -13.87 4.87
CA PRO A 130 10.98 -14.86 5.91
C PRO A 130 12.28 -15.66 5.71
N GLN A 131 12.66 -16.01 4.49
CA GLN A 131 13.96 -16.67 4.20
C GLN A 131 15.13 -15.73 4.52
N TYR A 132 14.99 -14.42 4.33
CA TYR A 132 16.05 -13.47 4.68
C TYR A 132 16.28 -13.58 6.19
N LEU A 133 15.21 -13.65 6.97
CA LEU A 133 15.28 -13.73 8.45
C LEU A 133 15.82 -15.09 8.86
N ARG A 134 15.56 -16.16 8.07
CA ARG A 134 16.19 -17.51 8.25
C ARG A 134 17.70 -17.35 8.10
N LYS A 135 18.14 -16.64 7.08
CA LYS A 135 19.58 -16.50 6.75
C LYS A 135 20.27 -15.65 7.83
N ARG A 136 19.64 -14.54 8.22
CA ARG A 136 20.20 -13.52 9.15
C ARG A 136 20.27 -14.04 10.59
N PHE A 137 19.28 -14.75 11.11
CA PHE A 137 19.19 -15.15 12.53
C PHE A 137 19.25 -16.68 12.70
N GLY A 138 18.75 -17.51 11.78
CA GLY A 138 19.16 -18.93 11.71
C GLY A 138 18.28 -19.99 12.30
N GLY A 139 17.22 -19.71 13.05
CA GLY A 139 16.35 -20.80 13.54
C GLY A 139 15.39 -21.25 12.46
N ARG A 140 14.61 -22.31 12.72
CA ARG A 140 13.46 -22.67 11.84
C ARG A 140 12.26 -21.74 12.15
N ARG A 141 12.16 -21.10 13.32
CA ARG A 141 10.85 -20.58 13.84
C ARG A 141 10.51 -19.14 13.43
N ILE A 142 11.47 -18.22 13.28
CA ILE A 142 11.20 -16.82 12.80
C ILE A 142 10.63 -16.89 11.38
N ARG A 143 11.16 -17.75 10.53
CA ARG A 143 10.73 -17.85 9.12
C ARG A 143 9.28 -18.29 9.08
N LEU A 144 8.93 -19.29 9.88
CA LEU A 144 7.57 -19.84 9.87
C LEU A 144 6.61 -18.77 10.37
N TYR A 145 6.92 -18.18 11.53
CA TYR A 145 6.13 -17.12 12.17
C TYR A 145 5.89 -15.96 11.16
N LEU A 146 6.92 -15.47 10.46
CA LEU A 146 6.77 -14.26 9.61
C LEU A 146 5.99 -14.66 8.35
N SER A 147 6.12 -15.87 7.85
CA SER A 147 5.29 -16.35 6.72
C SER A 147 3.82 -16.31 7.12
N VAL A 148 3.49 -16.97 8.21
CA VAL A 148 2.08 -17.12 8.68
C VAL A 148 1.52 -15.72 9.01
N LEU A 149 2.30 -14.83 9.62
CA LEU A 149 1.84 -13.47 9.98
C LEU A 149 1.57 -12.67 8.72
N SER A 150 2.41 -12.77 7.71
CA SER A 150 2.27 -12.11 6.40
C SER A 150 1.00 -12.61 5.68
N LEU A 151 0.79 -13.91 5.61
CA LEU A 151 -0.41 -14.54 5.02
C LEU A 151 -1.71 -13.96 5.65
N PHE A 152 -1.75 -13.80 6.97
CA PHE A 152 -2.90 -13.21 7.69
C PHE A 152 -3.02 -11.73 7.36
N LEU A 153 -1.93 -10.99 7.36
CA LEU A 153 -1.88 -9.56 6.97
C LEU A 153 -2.41 -9.36 5.53
N TYR A 154 -2.16 -10.29 4.61
CA TYR A 154 -2.64 -10.17 3.22
C TYR A 154 -4.15 -10.37 3.16
N ILE A 155 -4.70 -11.24 3.99
CA ILE A 155 -6.16 -11.43 4.06
C ILE A 155 -6.76 -10.16 4.71
N PHE A 156 -6.20 -9.66 5.79
CA PHE A 156 -6.86 -8.67 6.65
C PHE A 156 -6.73 -7.27 6.05
N THR A 157 -5.56 -6.91 5.56
CA THR A 157 -5.24 -5.53 5.16
C THR A 157 -5.19 -5.34 3.65
N LYS A 158 -5.09 -6.38 2.84
CA LYS A 158 -4.77 -6.21 1.39
C LYS A 158 -5.87 -6.78 0.52
N ILE A 159 -6.34 -7.98 0.82
CA ILE A 159 -7.42 -8.61 0.02
C ILE A 159 -8.74 -7.93 0.40
N SER A 160 -8.95 -7.70 1.69
CA SER A 160 -10.16 -7.07 2.26
C SER A 160 -10.39 -5.69 1.62
N VAL A 161 -9.36 -4.85 1.51
CA VAL A 161 -9.49 -3.48 0.95
C VAL A 161 -9.84 -3.54 -0.54
N ASP A 162 -9.22 -4.47 -1.28
CA ASP A 162 -9.49 -4.70 -2.73
C ASP A 162 -10.92 -5.19 -2.97
N MET A 163 -11.33 -6.26 -2.30
CA MET A 163 -12.70 -6.82 -2.40
C MET A 163 -13.77 -5.80 -1.98
N PHE A 164 -13.52 -5.07 -0.89
CA PHE A 164 -14.46 -4.04 -0.36
C PHE A 164 -14.70 -2.94 -1.39
N SER A 165 -13.61 -2.38 -1.90
CA SER A 165 -13.63 -1.22 -2.82
C SER A 165 -14.15 -1.62 -4.19
N GLY A 166 -13.82 -2.84 -4.64
CA GLY A 166 -14.42 -3.40 -5.85
C GLY A 166 -15.94 -3.45 -5.72
N ALA A 167 -16.42 -3.90 -4.58
CA ALA A 167 -17.85 -4.11 -4.32
C ALA A 167 -18.56 -2.76 -4.21
N VAL A 168 -17.93 -1.72 -3.61
CA VAL A 168 -18.48 -0.32 -3.60
C VAL A 168 -18.64 0.14 -5.05
N PHE A 169 -17.59 0.01 -5.85
CA PHE A 169 -17.57 0.54 -7.23
C PHE A 169 -18.63 -0.17 -8.07
N ILE A 170 -18.80 -1.50 -7.94
CA ILE A 170 -19.86 -2.28 -8.65
C ILE A 170 -21.23 -1.86 -8.14
N GLN A 171 -21.45 -1.75 -6.82
CA GLN A 171 -22.78 -1.40 -6.24
C GLN A 171 -23.28 -0.06 -6.79
N GLN A 172 -22.36 0.87 -7.00
CA GLN A 172 -22.67 2.31 -7.20
C GLN A 172 -22.63 2.57 -8.70
N ALA A 173 -21.57 2.20 -9.40
CA ALA A 173 -21.41 2.45 -10.85
C ALA A 173 -22.32 1.50 -11.66
N LEU A 174 -22.22 0.18 -11.45
CA LEU A 174 -22.86 -0.86 -12.31
C LEU A 174 -24.27 -1.19 -11.78
N GLY A 175 -24.39 -1.44 -10.48
CA GLY A 175 -25.63 -1.91 -9.80
C GLY A 175 -25.72 -3.42 -9.70
N TRP A 176 -24.71 -4.16 -10.16
CA TRP A 176 -24.73 -5.65 -10.27
C TRP A 176 -24.67 -6.27 -8.88
N ASN A 177 -24.95 -7.58 -8.80
CA ASN A 177 -24.87 -8.37 -7.55
C ASN A 177 -23.42 -8.31 -7.08
N ILE A 178 -23.19 -7.80 -5.86
CA ILE A 178 -21.80 -7.57 -5.32
C ILE A 178 -21.20 -8.89 -4.80
N TYR A 179 -21.91 -10.03 -4.85
CA TYR A 179 -21.35 -11.37 -4.53
C TYR A 179 -20.83 -11.98 -5.83
N ALA A 180 -21.70 -12.17 -6.83
CA ALA A 180 -21.43 -12.79 -8.14
C ALA A 180 -20.28 -12.09 -8.83
N SER A 181 -20.30 -10.76 -8.81
CA SER A 181 -19.28 -9.91 -9.48
C SER A 181 -17.92 -10.08 -8.78
N VAL A 182 -17.85 -10.17 -7.45
CA VAL A 182 -16.56 -10.37 -6.72
C VAL A 182 -16.08 -11.81 -6.91
N ILE A 183 -16.95 -12.84 -6.85
CA ILE A 183 -16.62 -14.24 -7.27
C ILE A 183 -15.99 -14.21 -8.67
N ALA A 184 -16.65 -13.54 -9.62
CA ALA A 184 -16.25 -13.49 -11.03
C ALA A 184 -14.91 -12.78 -11.17
N LEU A 185 -14.73 -11.67 -10.45
CA LEU A 185 -13.47 -10.88 -10.47
C LEU A 185 -12.31 -11.72 -9.90
N LEU A 186 -12.58 -12.44 -8.81
CA LEU A 186 -11.60 -13.32 -8.13
C LEU A 186 -11.23 -14.50 -9.04
N GLY A 187 -12.18 -15.04 -9.79
CA GLY A 187 -11.94 -16.17 -10.70
C GLY A 187 -11.08 -15.76 -11.87
N ILE A 188 -11.37 -14.62 -12.50
CA ILE A 188 -10.51 -14.11 -13.62
C ILE A 188 -9.11 -13.76 -13.09
N THR A 189 -8.95 -13.21 -11.88
CA THR A 189 -7.61 -12.84 -11.35
C THR A 189 -6.90 -14.14 -10.96
N MET A 190 -7.60 -15.19 -10.52
CA MET A 190 -7.02 -16.53 -10.23
C MET A 190 -6.36 -17.06 -11.50
N ILE A 191 -7.08 -17.09 -12.62
CA ILE A 191 -6.61 -17.57 -13.95
C ILE A 191 -5.40 -16.72 -14.39
N TYR A 192 -5.54 -15.41 -14.33
CA TYR A 192 -4.53 -14.40 -14.72
C TYR A 192 -3.23 -14.62 -13.91
N THR A 193 -3.34 -14.97 -12.64
CA THR A 193 -2.21 -15.26 -11.70
C THR A 193 -1.59 -16.63 -12.01
N VAL A 194 -2.36 -17.73 -11.97
CA VAL A 194 -1.84 -19.12 -12.18
C VAL A 194 -1.29 -19.32 -13.60
N THR A 195 -1.79 -18.62 -14.64
CA THR A 195 -1.51 -18.99 -16.06
C THR A 195 -0.08 -18.59 -16.41
N GLY A 196 0.34 -17.39 -16.03
CA GLY A 196 1.75 -16.92 -16.08
C GLY A 196 2.35 -16.99 -14.71
N GLY A 197 3.47 -16.34 -14.47
CA GLY A 197 3.92 -16.16 -13.07
C GLY A 197 4.22 -14.71 -12.82
N LEU A 198 5.20 -14.44 -11.98
CA LEU A 198 5.64 -13.08 -11.67
C LEU A 198 6.07 -12.37 -12.98
N ALA A 199 6.60 -13.03 -13.99
CA ALA A 199 7.10 -12.35 -15.21
C ALA A 199 5.93 -11.81 -16.02
N ALA A 200 4.89 -12.60 -16.24
CA ALA A 200 3.69 -12.14 -16.95
C ALA A 200 3.05 -11.02 -16.15
N LEU A 201 3.00 -11.11 -14.81
CA LEU A 201 2.31 -10.07 -13.99
C LEU A 201 3.05 -8.73 -14.06
N MET A 202 4.36 -8.74 -14.08
CA MET A 202 5.17 -7.51 -14.08
C MET A 202 5.12 -6.81 -15.44
N TYR A 203 5.11 -7.52 -16.55
CA TYR A 203 4.91 -6.93 -17.90
C TYR A 203 3.49 -6.45 -18.10
N THR A 204 2.52 -7.23 -17.64
CA THR A 204 1.09 -6.86 -17.70
C THR A 204 0.84 -5.64 -16.79
N ASP A 205 1.56 -5.53 -15.67
CA ASP A 205 1.49 -4.37 -14.75
C ASP A 205 2.03 -3.10 -15.42
N THR A 206 2.86 -3.14 -16.46
CA THR A 206 3.20 -1.94 -17.27
C THR A 206 1.96 -1.49 -18.04
N VAL A 207 1.15 -2.41 -18.55
CA VAL A 207 -0.09 -2.03 -19.30
C VAL A 207 -1.11 -1.57 -18.27
N GLN A 208 -1.25 -2.28 -17.17
CA GLN A 208 -2.21 -1.92 -16.09
C GLN A 208 -1.85 -0.55 -15.50
N THR A 209 -0.57 -0.24 -15.30
CA THR A 209 -0.15 1.11 -14.86
C THR A 209 -0.58 2.17 -15.88
N PHE A 210 -0.40 1.92 -17.16
CA PHE A 210 -0.79 2.83 -18.27
C PHE A 210 -2.28 3.11 -18.22
N VAL A 211 -3.10 2.06 -18.15
CA VAL A 211 -4.60 2.15 -18.18
C VAL A 211 -5.04 2.94 -16.94
N ILE A 212 -4.53 2.57 -15.77
CA ILE A 212 -4.88 3.19 -14.48
C ILE A 212 -4.59 4.70 -14.53
N LEU A 213 -3.35 5.11 -14.82
CA LEU A 213 -2.96 6.54 -14.86
C LEU A 213 -3.71 7.30 -15.95
N GLY A 214 -3.86 6.71 -17.13
CA GLY A 214 -4.52 7.38 -18.25
C GLY A 214 -6.02 7.58 -18.04
N GLY A 215 -6.74 6.55 -17.63
CA GLY A 215 -8.16 6.68 -17.33
C GLY A 215 -8.38 7.60 -16.14
N ALA A 216 -7.58 7.45 -15.09
CA ALA A 216 -7.64 8.28 -13.87
C ALA A 216 -7.39 9.74 -14.23
N CYS A 217 -6.43 10.03 -15.09
CA CYS A 217 -6.15 11.40 -15.62
C CYS A 217 -7.38 11.94 -16.39
N ILE A 218 -8.03 11.14 -17.23
CA ILE A 218 -9.18 11.64 -18.05
C ILE A 218 -10.31 11.99 -17.08
N LEU A 219 -10.60 11.14 -16.09
CA LEU A 219 -11.64 11.43 -15.05
C LEU A 219 -11.26 12.64 -14.21
N MET A 220 -10.01 12.76 -13.79
CA MET A 220 -9.51 13.96 -13.07
C MET A 220 -9.79 15.23 -13.90
N GLY A 221 -9.55 15.20 -15.20
CA GLY A 221 -9.81 16.33 -16.11
C GLY A 221 -11.27 16.72 -16.21
N TYR A 222 -12.17 15.74 -16.33
CA TYR A 222 -13.65 15.95 -16.33
C TYR A 222 -14.11 16.51 -14.99
N ALA A 223 -13.57 15.98 -13.88
CA ALA A 223 -13.89 16.41 -12.50
C ALA A 223 -13.48 17.88 -12.34
N PHE A 224 -12.23 18.20 -12.67
CA PHE A 224 -11.68 19.56 -12.46
C PHE A 224 -12.37 20.56 -13.40
N HIS A 225 -12.83 20.12 -14.57
CA HIS A 225 -13.68 20.95 -15.46
C HIS A 225 -14.99 21.30 -14.77
N GLU A 226 -15.58 20.34 -14.04
CA GLU A 226 -16.97 20.49 -13.50
C GLU A 226 -16.97 21.53 -12.39
N VAL A 227 -15.99 21.52 -11.49
CA VAL A 227 -15.83 22.56 -10.41
C VAL A 227 -15.20 23.86 -10.94
N GLY A 228 -14.67 23.89 -12.15
CA GLY A 228 -14.18 25.13 -12.78
C GLY A 228 -12.74 25.38 -12.41
N GLY A 229 -11.92 24.34 -12.55
CA GLY A 229 -10.46 24.42 -12.47
C GLY A 229 -9.93 23.99 -11.13
N TYR A 230 -8.63 24.06 -10.97
CA TYR A 230 -7.93 23.85 -9.70
C TYR A 230 -8.35 24.91 -8.68
N SER A 231 -8.49 26.18 -9.08
CA SER A 231 -8.94 27.29 -8.19
C SER A 231 -10.35 26.98 -7.66
N GLY A 232 -11.21 26.42 -8.50
CA GLY A 232 -12.59 26.03 -8.20
C GLY A 232 -12.66 25.02 -7.07
N LEU A 233 -11.74 24.06 -7.00
CA LEU A 233 -11.68 23.07 -5.89
C LEU A 233 -11.45 23.82 -4.58
N PHE A 234 -10.43 24.66 -4.53
CA PHE A 234 -9.95 25.30 -3.28
C PHE A 234 -10.83 26.50 -2.85
N ASP A 235 -11.78 27.00 -3.65
CA ASP A 235 -12.69 28.09 -3.19
C ASP A 235 -14.13 27.59 -2.96
N LYS A 236 -14.42 26.33 -3.24
CA LYS A 236 -15.75 25.71 -3.08
C LYS A 236 -15.75 24.58 -2.07
N TYR A 237 -14.61 24.03 -1.66
CA TYR A 237 -14.61 22.76 -0.90
C TYR A 237 -14.97 23.04 0.57
N LEU A 238 -14.42 24.07 1.23
CA LEU A 238 -14.76 24.42 2.65
C LEU A 238 -16.23 24.87 2.79
N GLY A 239 -16.83 25.40 1.73
CA GLY A 239 -18.27 25.66 1.67
C GLY A 239 -19.15 24.44 1.50
N ALA A 240 -18.61 23.26 1.13
CA ALA A 240 -19.38 22.12 0.56
C ALA A 240 -20.03 21.30 1.68
N ALA A 241 -21.05 21.85 2.34
CA ALA A 241 -21.85 21.16 3.37
C ALA A 241 -23.21 20.79 2.79
N THR A 242 -23.74 19.66 3.23
CA THR A 242 -25.13 19.20 3.00
C THR A 242 -26.13 20.15 3.67
N SER A 243 -27.33 20.25 3.08
CA SER A 243 -28.50 21.03 3.59
C SER A 243 -29.39 20.18 4.51
N LEU A 244 -29.14 18.87 4.66
CA LEU A 244 -29.93 17.93 5.49
C LEU A 244 -29.09 17.54 6.69
N THR A 245 -29.25 18.28 7.80
CA THR A 245 -28.48 18.14 9.06
C THR A 245 -29.39 17.82 10.25
N VAL A 246 -30.67 17.50 10.05
CA VAL A 246 -31.65 17.22 11.15
C VAL A 246 -32.25 15.83 10.90
N SER A 247 -32.08 14.93 11.87
CA SER A 247 -32.58 13.54 11.85
C SER A 247 -34.03 13.50 12.35
N GLU A 248 -34.82 12.57 11.80
CA GLU A 248 -36.18 12.20 12.26
C GLU A 248 -36.12 11.35 13.54
N ASP A 249 -34.98 10.72 13.87
CA ASP A 249 -34.78 9.87 15.07
C ASP A 249 -34.48 10.77 16.29
N PRO A 250 -35.26 10.71 17.40
CA PRO A 250 -34.82 11.30 18.68
C PRO A 250 -33.53 10.66 19.25
N ALA A 251 -32.81 11.44 20.07
CA ALA A 251 -31.45 11.17 20.60
C ALA A 251 -30.39 11.03 19.47
N VAL A 252 -30.64 11.63 18.30
CA VAL A 252 -29.66 11.96 17.22
C VAL A 252 -29.81 13.44 16.92
N GLY A 253 -31.04 13.87 16.57
CA GLY A 253 -31.53 15.25 16.67
C GLY A 253 -30.89 16.15 15.64
N ASN A 254 -30.61 17.40 16.01
CA ASN A 254 -29.76 18.31 15.20
C ASN A 254 -28.34 17.74 15.26
N ILE A 255 -27.81 17.37 14.10
CA ILE A 255 -26.42 16.84 13.93
C ILE A 255 -25.47 18.01 14.24
N SER A 256 -24.38 17.75 14.97
CA SER A 256 -23.33 18.75 15.33
C SER A 256 -22.73 19.39 14.06
N SER A 257 -22.41 20.68 14.13
CA SER A 257 -21.72 21.44 13.04
C SER A 257 -20.32 20.91 12.77
N PHE A 258 -19.70 20.16 13.68
CA PHE A 258 -18.40 19.49 13.47
C PHE A 258 -18.53 18.29 12.53
N CYS A 259 -19.70 17.68 12.44
CA CYS A 259 -19.88 16.41 11.72
C CYS A 259 -20.26 16.64 10.26
N TYR A 260 -20.93 17.74 9.91
CA TYR A 260 -21.32 18.02 8.50
C TYR A 260 -20.44 19.11 7.85
N ARG A 261 -19.88 20.07 8.59
CA ARG A 261 -19.05 21.14 7.94
C ARG A 261 -17.72 20.53 7.56
N PRO A 262 -17.11 20.88 6.40
CA PRO A 262 -15.76 20.42 6.10
C PRO A 262 -14.78 20.99 7.12
N ARG A 263 -13.78 20.18 7.44
CA ARG A 263 -12.78 20.49 8.47
C ARG A 263 -12.08 21.80 8.09
N PRO A 264 -11.86 22.76 9.00
CA PRO A 264 -11.07 23.95 8.66
C PRO A 264 -9.61 23.71 8.24
N ASP A 265 -8.97 22.59 8.61
CA ASP A 265 -7.62 22.21 8.08
C ASP A 265 -7.70 21.24 6.88
N SER A 266 -8.79 21.23 6.12
CA SER A 266 -9.00 20.39 4.92
C SER A 266 -7.91 20.54 3.85
N TYR A 267 -7.29 21.70 3.68
CA TYR A 267 -6.32 21.96 2.58
C TYR A 267 -4.86 21.76 3.04
N HIS A 268 -4.65 21.16 4.20
CA HIS A 268 -3.36 21.08 4.90
C HIS A 268 -2.99 19.63 5.12
N LEU A 269 -1.89 19.16 4.53
CA LEU A 269 -1.28 17.83 4.84
C LEU A 269 -0.93 17.72 6.33
N LEU A 270 -0.22 18.72 6.86
CA LEU A 270 0.36 18.73 8.24
C LEU A 270 -0.72 19.32 9.16
N ARG A 271 -1.38 18.46 9.90
CA ARG A 271 -2.54 18.76 10.76
C ARG A 271 -2.09 18.69 12.20
N HIS A 272 -2.94 19.16 13.11
CA HIS A 272 -2.55 19.45 14.52
C HIS A 272 -2.03 18.20 15.20
N PRO A 273 -0.88 18.22 15.91
CA PRO A 273 -0.34 17.01 16.54
C PRO A 273 -1.20 16.31 17.57
N VAL A 274 -2.22 16.94 18.15
CA VAL A 274 -3.13 16.33 19.18
C VAL A 274 -4.55 16.14 18.64
N THR A 275 -5.12 17.14 17.95
CA THR A 275 -6.54 17.21 17.50
C THR A 275 -6.71 17.01 15.98
N GLY A 276 -5.62 16.85 15.21
CA GLY A 276 -5.64 16.40 13.82
C GLY A 276 -6.26 15.03 13.72
N ASP A 277 -7.06 14.81 12.69
CA ASP A 277 -7.52 13.45 12.31
C ASP A 277 -6.32 12.61 11.85
N LEU A 278 -5.39 13.20 11.10
CA LEU A 278 -4.04 12.64 10.79
C LEU A 278 -3.00 13.61 11.33
N PRO A 279 -2.57 13.47 12.61
CA PRO A 279 -1.55 14.35 13.18
C PRO A 279 -0.26 14.26 12.36
N TRP A 280 0.43 15.40 12.20
CA TRP A 280 1.67 15.47 11.38
C TRP A 280 2.78 14.56 11.94
N PRO A 281 3.03 14.43 13.27
CA PRO A 281 4.09 13.53 13.74
C PRO A 281 3.70 12.05 13.54
N ALA A 282 2.43 11.75 13.68
CA ALA A 282 1.86 10.42 13.35
C ALA A 282 2.05 10.19 11.84
N LEU A 283 1.69 11.15 10.97
CA LEU A 283 1.85 10.99 9.50
C LEU A 283 3.31 10.67 9.20
N LEU A 284 4.21 11.55 9.57
CA LEU A 284 5.63 11.46 9.16
C LEU A 284 6.32 10.22 9.80
N LEU A 285 6.47 10.13 11.11
CA LEU A 285 7.12 8.98 11.78
C LEU A 285 6.30 7.69 11.63
N GLY A 286 5.02 7.74 12.02
CA GLY A 286 4.20 6.53 12.19
C GLY A 286 3.95 5.85 10.85
N LEU A 287 3.62 6.62 9.80
CA LEU A 287 3.52 6.03 8.45
C LEU A 287 4.89 5.57 7.96
N THR A 288 5.99 6.27 8.26
CA THR A 288 7.30 5.75 7.80
C THR A 288 7.50 4.34 8.35
N ILE A 289 7.16 4.10 9.61
CA ILE A 289 7.31 2.77 10.23
C ILE A 289 6.43 1.76 9.48
N VAL A 290 5.15 2.07 9.27
CA VAL A 290 4.18 1.12 8.66
C VAL A 290 4.55 0.93 7.19
N SER A 291 4.87 2.01 6.47
CA SER A 291 5.32 1.95 5.06
C SER A 291 6.62 1.16 4.97
N GLY A 292 7.54 1.35 5.92
CA GLY A 292 8.76 0.54 5.99
C GLY A 292 8.42 -0.94 5.83
N TRP A 293 7.56 -1.44 6.69
CA TRP A 293 7.05 -2.83 6.56
C TRP A 293 6.52 -3.07 5.13
N TYR A 294 5.62 -2.23 4.67
CA TYR A 294 4.82 -2.41 3.44
C TYR A 294 5.75 -2.48 2.21
N TRP A 295 6.69 -1.56 2.13
CA TRP A 295 7.62 -1.38 0.98
C TRP A 295 8.91 -2.17 1.17
N CYS A 296 9.53 -2.14 2.34
CA CYS A 296 10.90 -2.66 2.53
C CYS A 296 10.95 -4.05 3.13
N SER A 297 9.96 -4.52 3.88
CA SER A 297 10.00 -5.81 4.65
C SER A 297 9.01 -6.84 4.16
N ASP A 298 8.16 -6.51 3.20
CA ASP A 298 6.97 -7.31 2.90
C ASP A 298 7.08 -7.92 1.50
N GLN A 299 6.76 -9.22 1.41
CA GLN A 299 6.89 -10.04 0.19
C GLN A 299 6.23 -9.39 -1.03
N VAL A 300 5.07 -8.77 -0.89
CA VAL A 300 4.28 -8.35 -2.09
C VAL A 300 5.13 -7.34 -2.88
N ILE A 301 5.60 -6.27 -2.25
CA ILE A 301 6.44 -5.22 -2.92
C ILE A 301 7.82 -5.79 -3.27
N VAL A 302 8.48 -6.39 -2.30
CA VAL A 302 9.91 -6.77 -2.38
C VAL A 302 10.10 -7.87 -3.42
N GLN A 303 9.13 -8.76 -3.67
CA GLN A 303 9.24 -9.79 -4.74
C GLN A 303 9.52 -9.16 -6.11
N ARG A 304 9.03 -7.98 -6.41
CA ARG A 304 9.28 -7.27 -7.68
C ARG A 304 10.77 -6.89 -7.75
N CYS A 305 11.37 -6.47 -6.64
CA CYS A 305 12.80 -6.09 -6.58
C CYS A 305 13.67 -7.33 -6.62
N LEU A 306 13.28 -8.41 -5.93
CA LEU A 306 13.97 -9.71 -6.02
C LEU A 306 13.98 -10.22 -7.46
N ALA A 307 13.09 -9.74 -8.33
CA ALA A 307 13.01 -10.09 -9.77
C ALA A 307 13.73 -9.11 -10.66
N GLY A 308 14.36 -8.11 -10.07
CA GLY A 308 15.21 -7.12 -10.73
C GLY A 308 16.39 -7.83 -11.33
N LYS A 309 16.89 -7.31 -12.42
CA LYS A 309 18.00 -7.90 -13.21
C LYS A 309 19.35 -7.49 -12.63
N SER A 310 19.39 -6.26 -12.17
CA SER A 310 20.53 -5.59 -11.52
C SER A 310 20.00 -4.82 -10.32
N LEU A 311 20.88 -4.48 -9.38
CA LEU A 311 20.56 -3.44 -8.37
C LEU A 311 20.18 -2.12 -9.05
N THR A 312 20.86 -1.70 -10.11
CA THR A 312 20.64 -0.35 -10.70
C THR A 312 19.26 -0.31 -11.36
N HIS A 313 18.80 -1.38 -12.00
CA HIS A 313 17.39 -1.54 -12.47
C HIS A 313 16.38 -1.49 -11.31
N ILE A 314 16.64 -2.09 -10.16
CA ILE A 314 15.76 -1.95 -8.96
C ILE A 314 15.72 -0.48 -8.51
N LYS A 315 16.87 0.19 -8.45
CA LYS A 315 16.94 1.63 -8.02
C LYS A 315 16.16 2.50 -8.99
N ALA A 316 16.38 2.37 -10.30
CA ALA A 316 15.63 3.12 -11.33
C ALA A 316 14.14 2.81 -11.22
N GLY A 317 13.75 1.54 -10.99
CA GLY A 317 12.35 1.09 -10.82
C GLY A 317 11.74 1.77 -9.61
N CYS A 318 12.46 1.78 -8.50
CA CYS A 318 12.11 2.54 -7.26
C CYS A 318 11.85 4.03 -7.57
N ILE A 319 12.60 4.69 -8.44
CA ILE A 319 12.32 6.14 -8.75
C ILE A 319 11.02 6.26 -9.56
N LEU A 320 10.88 5.43 -10.59
CA LEU A 320 9.63 5.39 -11.40
C LEU A 320 8.49 5.26 -10.38
N CYS A 321 8.55 4.26 -9.49
CA CYS A 321 7.46 4.03 -8.52
C CYS A 321 7.21 5.32 -7.70
N GLY A 322 8.22 5.99 -7.15
CA GLY A 322 8.05 7.23 -6.35
C GLY A 322 7.36 8.36 -7.10
N TYR A 323 7.74 8.62 -8.34
CA TYR A 323 7.03 9.61 -9.19
C TYR A 323 5.54 9.27 -9.37
N LEU A 324 5.29 8.01 -9.66
CA LEU A 324 3.90 7.55 -9.85
C LEU A 324 3.15 7.65 -8.52
N LYS A 325 3.85 7.49 -7.39
CA LYS A 325 3.22 7.58 -6.05
C LYS A 325 2.93 9.04 -5.72
N LEU A 326 3.47 10.01 -6.44
CA LEU A 326 2.98 11.40 -6.29
C LEU A 326 1.61 11.52 -6.93
N THR A 327 1.35 10.78 -7.98
CA THR A 327 0.15 11.01 -8.78
C THR A 327 -1.12 10.74 -7.95
N PRO A 328 -1.27 9.79 -6.99
CA PRO A 328 -2.56 9.63 -6.28
C PRO A 328 -3.31 10.89 -5.74
N MET A 329 -2.64 11.92 -5.26
CA MET A 329 -3.21 13.20 -4.71
C MET A 329 -4.16 13.86 -5.71
N PHE A 330 -3.73 13.94 -6.97
CA PHE A 330 -4.40 14.72 -8.03
C PHE A 330 -5.41 13.82 -8.73
N LEU A 331 -5.19 12.50 -8.78
CA LEU A 331 -6.03 11.53 -9.52
C LEU A 331 -7.10 10.91 -8.64
N MET A 332 -6.97 10.99 -7.32
CA MET A 332 -7.90 10.26 -6.40
C MET A 332 -8.38 11.21 -5.31
N VAL A 333 -7.48 11.85 -4.57
CA VAL A 333 -7.83 12.62 -3.36
C VAL A 333 -8.61 13.85 -3.83
N MET A 334 -8.06 14.61 -4.77
CA MET A 334 -8.70 15.86 -5.27
C MET A 334 -9.98 15.58 -6.07
N PRO A 335 -10.12 14.57 -6.96
CA PRO A 335 -11.44 14.13 -7.42
C PRO A 335 -12.46 13.80 -6.30
N GLY A 336 -12.03 13.17 -5.22
CA GLY A 336 -12.89 12.94 -4.05
C GLY A 336 -13.44 14.20 -3.42
N MET A 337 -12.58 15.19 -3.27
CA MET A 337 -12.96 16.53 -2.80
C MET A 337 -13.94 17.20 -3.78
N ILE A 338 -13.68 17.10 -5.08
CA ILE A 338 -14.57 17.63 -6.15
C ILE A 338 -15.93 16.91 -6.06
N SER A 339 -15.92 15.62 -5.78
CA SER A 339 -17.15 14.85 -5.55
C SER A 339 -17.95 15.40 -4.36
N ARG A 340 -17.28 15.85 -3.31
CA ARG A 340 -18.00 16.49 -2.18
C ARG A 340 -18.61 17.82 -2.61
N ILE A 341 -17.96 18.62 -3.47
CA ILE A 341 -18.49 19.93 -3.92
C ILE A 341 -19.71 19.72 -4.82
N LEU A 342 -19.63 18.79 -5.77
CA LEU A 342 -20.68 18.58 -6.80
C LEU A 342 -21.89 17.84 -6.22
N TYR A 343 -21.71 16.94 -5.24
CA TYR A 343 -22.78 16.07 -4.68
C TYR A 343 -22.75 16.16 -3.17
N PRO A 344 -22.85 17.37 -2.56
CA PRO A 344 -22.70 17.53 -1.11
C PRO A 344 -23.84 16.85 -0.32
N ASP A 345 -25.07 16.88 -0.83
CA ASP A 345 -26.21 16.19 -0.19
C ASP A 345 -26.11 14.65 -0.25
N GLU A 346 -25.26 14.07 -1.11
CA GLU A 346 -25.12 12.58 -1.30
C GLU A 346 -23.78 12.09 -0.76
N VAL A 347 -22.69 12.77 -1.10
CA VAL A 347 -21.31 12.39 -0.67
C VAL A 347 -21.08 12.88 0.76
N ALA A 348 -21.55 14.07 1.14
CA ALA A 348 -21.34 14.62 2.51
C ALA A 348 -22.62 14.53 3.37
N CYS A 349 -23.41 13.46 3.22
CA CYS A 349 -24.62 13.18 4.05
C CYS A 349 -24.15 12.87 5.47
N VAL A 350 -24.89 13.34 6.46
CA VAL A 350 -24.69 13.02 7.90
C VAL A 350 -25.95 12.42 8.52
N VAL A 351 -27.15 12.83 8.07
CA VAL A 351 -28.40 12.30 8.65
C VAL A 351 -28.37 10.80 8.37
N PRO A 352 -28.42 9.96 9.41
CA PRO A 352 -28.42 8.51 9.30
C PRO A 352 -29.44 7.91 8.32
N GLU A 353 -30.63 8.49 8.21
CA GLU A 353 -31.71 7.98 7.31
C GLU A 353 -31.48 8.39 5.85
N VAL A 354 -30.83 9.54 5.61
CA VAL A 354 -30.52 10.02 4.24
C VAL A 354 -29.38 9.16 3.71
N CYS A 355 -28.35 8.89 4.53
CA CYS A 355 -27.20 8.03 4.17
C CYS A 355 -27.64 6.58 3.91
N ARG A 356 -28.68 6.07 4.59
CA ARG A 356 -29.25 4.72 4.28
C ARG A 356 -29.93 4.78 2.90
N ARG A 357 -30.57 5.90 2.55
CA ARG A 357 -31.27 6.07 1.23
C ARG A 357 -30.25 6.18 0.11
N VAL A 358 -29.11 6.83 0.36
CA VAL A 358 -28.13 7.22 -0.69
C VAL A 358 -27.30 5.99 -1.07
N CYS A 359 -26.61 5.40 -0.10
CA CYS A 359 -25.57 4.34 -0.31
C CYS A 359 -25.77 3.11 0.59
N GLY A 360 -26.92 2.93 1.23
CA GLY A 360 -27.21 1.74 2.07
C GLY A 360 -26.58 1.76 3.45
N THR A 361 -25.72 2.74 3.75
CA THR A 361 -24.81 2.76 4.91
C THR A 361 -25.25 3.94 5.78
N GLU A 362 -25.69 3.63 6.99
CA GLU A 362 -26.17 4.61 8.01
C GLU A 362 -25.03 5.55 8.42
N VAL A 363 -23.75 5.15 8.41
CA VAL A 363 -22.63 5.94 9.02
C VAL A 363 -22.01 6.97 8.06
N GLY A 364 -22.42 7.08 6.81
CA GLY A 364 -21.79 8.00 5.84
C GLY A 364 -21.89 7.47 4.43
N CYS A 365 -21.65 8.33 3.45
CA CYS A 365 -21.59 7.96 2.00
C CYS A 365 -20.37 8.56 1.32
N SER A 366 -19.24 8.71 2.02
CA SER A 366 -17.97 9.21 1.47
C SER A 366 -17.43 8.21 0.43
N ASN A 367 -17.67 6.91 0.57
CA ASN A 367 -17.21 5.87 -0.38
C ASN A 367 -17.85 5.98 -1.77
N ILE A 368 -18.94 6.70 -1.95
CA ILE A 368 -19.55 6.82 -3.30
C ILE A 368 -18.75 7.88 -4.08
N ALA A 369 -17.92 8.70 -3.44
CA ALA A 369 -17.24 9.88 -4.05
C ALA A 369 -16.73 9.58 -5.47
N TYR A 370 -15.79 8.65 -5.59
CA TYR A 370 -15.18 8.29 -6.90
C TYR A 370 -16.22 7.66 -7.81
N PRO A 371 -16.89 6.56 -7.46
CA PRO A 371 -17.87 6.00 -8.38
C PRO A 371 -18.97 7.01 -8.79
N ARG A 372 -19.38 7.94 -7.91
CA ARG A 372 -20.38 8.98 -8.29
C ARG A 372 -19.81 9.81 -9.44
N LEU A 373 -18.58 10.31 -9.34
CA LEU A 373 -17.96 11.08 -10.47
C LEU A 373 -18.07 10.24 -11.77
N VAL A 374 -17.71 8.96 -11.74
CA VAL A 374 -17.67 8.08 -12.95
C VAL A 374 -19.08 8.07 -13.55
N VAL A 375 -20.08 7.70 -12.77
CA VAL A 375 -21.53 7.65 -13.19
C VAL A 375 -21.94 8.98 -13.83
N LYS A 376 -21.65 10.09 -13.14
CA LYS A 376 -22.30 11.41 -13.35
C LYS A 376 -21.49 12.26 -14.32
N LEU A 377 -20.19 12.01 -14.54
CA LEU A 377 -19.32 12.87 -15.38
C LEU A 377 -18.85 12.22 -16.68
N MET A 378 -18.76 10.89 -16.77
CA MET A 378 -18.08 10.25 -17.92
C MET A 378 -19.09 10.04 -19.04
N PRO A 379 -18.76 10.34 -20.32
CA PRO A 379 -19.64 10.05 -21.47
C PRO A 379 -19.84 8.56 -21.78
N ASN A 380 -20.49 8.26 -22.92
CA ASN A 380 -20.88 6.87 -23.33
C ASN A 380 -19.64 5.98 -23.48
N GLY A 381 -18.53 6.48 -24.01
CA GLY A 381 -17.34 5.66 -24.34
C GLY A 381 -16.39 5.50 -23.17
N LEU A 382 -16.18 6.56 -22.39
CA LEU A 382 -15.16 6.63 -21.32
C LEU A 382 -15.69 6.07 -19.98
N ARG A 383 -16.99 5.79 -19.78
CA ARG A 383 -17.47 5.02 -18.60
C ARG A 383 -16.79 3.64 -18.61
N GLY A 384 -16.76 2.99 -19.77
CA GLY A 384 -16.04 1.72 -20.02
C GLY A 384 -14.56 1.81 -19.69
N LEU A 385 -13.88 2.90 -20.08
CA LEU A 385 -12.47 3.12 -19.69
C LEU A 385 -12.33 3.14 -18.15
N MET A 386 -13.26 3.77 -17.43
CA MET A 386 -13.17 3.89 -15.96
C MET A 386 -13.47 2.54 -15.31
N LEU A 387 -14.29 1.68 -15.94
CA LEU A 387 -14.47 0.27 -15.48
C LEU A 387 -13.15 -0.46 -15.72
N ALA A 388 -12.49 -0.23 -16.85
CA ALA A 388 -11.17 -0.81 -17.16
C ALA A 388 -10.14 -0.34 -16.14
N VAL A 389 -10.19 0.91 -15.69
CA VAL A 389 -9.22 1.45 -14.68
C VAL A 389 -9.40 0.67 -13.38
N MET A 390 -10.62 0.50 -12.95
CA MET A 390 -10.90 -0.13 -11.64
C MET A 390 -10.59 -1.62 -11.73
N LEU A 391 -10.88 -2.22 -12.88
CA LEU A 391 -10.55 -3.64 -13.17
C LEU A 391 -9.03 -3.83 -13.14
N ALA A 392 -8.30 -2.98 -13.84
CA ALA A 392 -6.83 -2.94 -13.91
C ALA A 392 -6.24 -2.78 -12.52
N ALA A 393 -6.78 -1.86 -11.73
CA ALA A 393 -6.30 -1.56 -10.36
C ALA A 393 -6.53 -2.80 -9.50
N LEU A 394 -7.76 -3.32 -9.48
CA LEU A 394 -8.15 -4.49 -8.67
C LEU A 394 -7.37 -5.74 -9.11
N MET A 395 -7.27 -6.03 -10.41
CA MET A 395 -6.62 -7.28 -10.89
C MET A 395 -5.13 -7.27 -10.57
N SER A 396 -4.44 -6.16 -10.85
CA SER A 396 -2.99 -6.04 -10.59
C SER A 396 -2.68 -6.25 -9.10
N SER A 397 -3.52 -5.74 -8.19
CA SER A 397 -3.24 -5.79 -6.73
C SER A 397 -3.52 -7.21 -6.26
N LEU A 398 -4.66 -7.75 -6.65
CA LEU A 398 -5.06 -9.12 -6.23
C LEU A 398 -4.07 -10.15 -6.76
N ALA A 399 -3.63 -10.04 -8.01
CA ALA A 399 -2.67 -10.96 -8.66
C ALA A 399 -1.34 -10.94 -7.93
N SER A 400 -0.85 -9.73 -7.59
CA SER A 400 0.38 -9.54 -6.80
C SER A 400 0.24 -10.25 -5.45
N ILE A 401 -0.87 -10.09 -4.76
CA ILE A 401 -1.06 -10.63 -3.39
C ILE A 401 -1.13 -12.15 -3.52
N PHE A 402 -1.85 -12.67 -4.50
CA PHE A 402 -2.00 -14.13 -4.73
C PHE A 402 -0.64 -14.71 -5.10
N ASN A 403 0.09 -14.10 -6.01
CA ASN A 403 1.40 -14.66 -6.40
C ASN A 403 2.34 -14.61 -5.20
N SER A 404 2.44 -13.47 -4.53
CA SER A 404 3.35 -13.32 -3.38
C SER A 404 2.98 -14.29 -2.27
N SER A 405 1.70 -14.50 -2.03
CA SER A 405 1.22 -15.36 -0.94
C SER A 405 1.56 -16.79 -1.32
N SER A 406 1.42 -17.13 -2.60
CA SER A 406 1.86 -18.41 -3.23
C SER A 406 3.34 -18.69 -2.95
N THR A 407 4.18 -17.69 -3.09
CA THR A 407 5.66 -17.77 -2.94
C THR A 407 5.98 -18.03 -1.48
N LEU A 408 5.35 -17.26 -0.65
CA LEU A 408 5.51 -17.29 0.82
C LEU A 408 5.11 -18.67 1.30
N PHE A 409 3.95 -19.16 0.88
CA PHE A 409 3.42 -20.48 1.30
C PHE A 409 4.32 -21.59 0.76
N THR A 410 4.55 -21.60 -0.56
CA THR A 410 5.28 -22.67 -1.28
C THR A 410 6.66 -22.80 -0.66
N MET A 411 7.45 -21.72 -0.76
CA MET A 411 8.88 -21.69 -0.40
C MET A 411 9.02 -21.86 1.11
N ASP A 412 8.31 -21.11 1.94
CA ASP A 412 8.50 -21.18 3.41
C ASP A 412 7.81 -22.41 4.01
N ILE A 413 6.50 -22.50 3.88
CA ILE A 413 5.70 -23.49 4.67
C ILE A 413 5.81 -24.87 4.01
N TYR A 414 5.62 -25.01 2.70
CA TYR A 414 5.51 -26.35 2.04
C TYR A 414 6.89 -27.00 1.94
N THR A 415 7.98 -26.24 2.00
CA THR A 415 9.34 -26.86 2.08
C THR A 415 9.65 -27.22 3.54
N ARG A 416 8.90 -26.75 4.56
CA ARG A 416 8.96 -27.38 5.91
C ARG A 416 8.34 -28.78 5.81
N LEU A 417 7.17 -28.93 5.19
CA LEU A 417 6.43 -30.24 5.09
C LEU A 417 7.13 -31.22 4.14
N ARG A 418 7.71 -30.76 3.02
CA ARG A 418 8.37 -31.59 1.97
C ARG A 418 9.67 -30.95 1.52
N PRO A 419 10.85 -31.23 2.18
CA PRO A 419 12.13 -30.66 1.77
C PRO A 419 12.70 -31.11 0.41
N ARG A 420 12.54 -32.39 0.04
CA ARG A 420 13.02 -32.97 -1.25
C ARG A 420 11.84 -32.93 -2.24
N ALA A 421 11.36 -31.72 -2.55
CA ALA A 421 10.12 -31.46 -3.31
C ALA A 421 10.44 -31.45 -4.81
N GLY A 422 11.33 -30.55 -5.21
CA GLY A 422 11.73 -30.36 -6.62
C GLY A 422 10.85 -29.36 -7.33
N ASP A 423 11.33 -28.81 -8.44
CA ASP A 423 10.82 -27.54 -9.03
C ASP A 423 9.52 -27.76 -9.82
N ARG A 424 8.97 -28.97 -9.96
CA ARG A 424 7.71 -29.27 -10.70
C ARG A 424 6.52 -29.35 -9.73
N GLU A 425 6.70 -30.07 -8.63
CA GLU A 425 5.77 -30.13 -7.46
C GLU A 425 5.59 -28.75 -6.81
N LEU A 426 6.67 -27.99 -6.60
CA LEU A 426 6.57 -26.66 -5.95
C LEU A 426 5.75 -25.70 -6.82
N LEU A 427 5.83 -25.78 -8.15
CA LEU A 427 5.00 -24.92 -9.04
C LEU A 427 3.53 -25.37 -9.01
N LEU A 428 3.25 -26.67 -8.92
CA LEU A 428 1.88 -27.21 -8.74
C LEU A 428 1.27 -26.65 -7.46
N VAL A 429 2.02 -26.74 -6.37
CA VAL A 429 1.65 -26.23 -5.01
C VAL A 429 1.50 -24.71 -5.03
N GLY A 430 2.32 -24.03 -5.80
CA GLY A 430 2.19 -22.58 -5.98
C GLY A 430 0.89 -22.21 -6.65
N ARG A 431 0.51 -22.93 -7.70
CA ARG A 431 -0.73 -22.62 -8.45
C ARG A 431 -1.94 -23.06 -7.62
N LEU A 432 -1.85 -24.13 -6.82
CA LEU A 432 -2.98 -24.62 -5.99
C LEU A 432 -3.21 -23.70 -4.79
N TRP A 433 -2.17 -23.07 -4.22
CA TRP A 433 -2.35 -22.03 -3.17
C TRP A 433 -3.19 -20.88 -3.70
N VAL A 434 -3.06 -20.51 -4.98
CA VAL A 434 -3.78 -19.34 -5.57
C VAL A 434 -5.27 -19.66 -5.57
N VAL A 435 -5.62 -20.90 -5.92
CA VAL A 435 -7.01 -21.41 -5.82
C VAL A 435 -7.48 -21.35 -4.36
N PHE A 436 -6.69 -21.82 -3.40
CA PHE A 436 -7.07 -21.84 -1.97
C PHE A 436 -7.25 -20.42 -1.45
N ILE A 437 -6.35 -19.49 -1.77
CA ILE A 437 -6.41 -18.09 -1.20
C ILE A 437 -7.61 -17.37 -1.87
N VAL A 438 -7.94 -17.65 -3.13
CA VAL A 438 -9.21 -17.17 -3.79
C VAL A 438 -10.43 -17.66 -3.00
N VAL A 439 -10.46 -18.93 -2.62
CA VAL A 439 -11.60 -19.53 -1.85
C VAL A 439 -11.67 -18.91 -0.45
N VAL A 440 -10.54 -18.74 0.22
CA VAL A 440 -10.49 -18.07 1.55
C VAL A 440 -11.04 -16.65 1.41
N SER A 441 -10.68 -15.93 0.34
CA SER A 441 -11.11 -14.54 0.12
C SER A 441 -12.61 -14.51 -0.21
N VAL A 442 -13.15 -15.46 -0.95
CA VAL A 442 -14.63 -15.55 -1.15
C VAL A 442 -15.33 -15.77 0.20
N ALA A 443 -14.82 -16.67 1.03
CA ALA A 443 -15.38 -16.93 2.39
C ALA A 443 -15.19 -15.71 3.31
N TRP A 444 -14.15 -14.90 3.08
CA TRP A 444 -13.84 -13.64 3.79
C TRP A 444 -14.73 -12.46 3.37
N LEU A 445 -15.37 -12.50 2.20
CA LEU A 445 -16.14 -11.37 1.61
C LEU A 445 -17.25 -10.90 2.57
N PRO A 446 -18.16 -11.74 3.13
CA PRO A 446 -19.20 -11.23 4.04
C PRO A 446 -18.71 -10.48 5.30
N VAL A 447 -17.57 -10.91 5.84
CA VAL A 447 -16.95 -10.32 7.06
C VAL A 447 -16.46 -8.91 6.70
N VAL A 448 -15.79 -8.76 5.56
CA VAL A 448 -15.30 -7.41 5.10
C VAL A 448 -16.50 -6.53 4.75
N GLN A 449 -17.59 -7.07 4.17
CA GLN A 449 -18.83 -6.32 3.83
C GLN A 449 -19.54 -5.82 5.10
N ALA A 450 -19.29 -6.42 6.27
CA ALA A 450 -19.80 -5.95 7.60
C ALA A 450 -19.17 -4.62 8.03
N ALA A 451 -18.03 -4.22 7.47
CA ALA A 451 -17.44 -2.87 7.65
C ALA A 451 -18.32 -1.88 6.89
N GLN A 452 -18.68 -0.81 7.55
CA GLN A 452 -19.84 0.05 7.20
C GLN A 452 -19.19 1.39 6.83
N GLY A 453 -19.19 1.75 5.55
CA GLY A 453 -18.69 3.05 5.11
C GLY A 453 -17.16 3.11 5.03
N GLY A 454 -16.60 4.30 5.22
CA GLY A 454 -15.16 4.55 5.15
C GLY A 454 -14.39 4.15 6.41
N GLN A 455 -15.04 3.57 7.42
CA GLN A 455 -14.46 2.83 8.58
C GLN A 455 -13.38 1.81 8.18
N LEU A 456 -13.60 1.08 7.09
CA LEU A 456 -12.70 -0.04 6.68
C LEU A 456 -11.30 0.49 6.34
N PHE A 457 -11.19 1.65 5.72
CA PHE A 457 -9.89 2.26 5.37
C PHE A 457 -9.14 2.66 6.63
N ASP A 458 -9.86 3.05 7.67
CA ASP A 458 -9.26 3.26 9.02
C ASP A 458 -8.86 1.90 9.61
N TYR A 459 -9.71 0.86 9.51
CA TYR A 459 -9.49 -0.47 10.12
C TYR A 459 -8.19 -1.07 9.58
N ILE A 460 -7.99 -0.96 8.30
CA ILE A 460 -6.85 -1.59 7.56
C ILE A 460 -5.54 -0.89 7.93
N GLN A 461 -5.55 0.43 8.02
CA GLN A 461 -4.39 1.22 8.48
C GLN A 461 -4.21 0.99 9.99
N ALA A 462 -5.26 0.73 10.77
CA ALA A 462 -5.14 0.47 12.22
C ALA A 462 -4.50 -0.89 12.39
N VAL A 463 -5.04 -1.92 11.73
CA VAL A 463 -4.44 -3.30 11.69
C VAL A 463 -2.97 -3.24 11.29
N SER A 464 -2.66 -2.52 10.25
CA SER A 464 -1.27 -2.38 9.78
C SER A 464 -0.43 -1.72 10.87
N SER A 465 -0.96 -0.72 11.57
CA SER A 465 -0.24 0.00 12.64
C SER A 465 -0.11 -0.84 13.91
N TYR A 466 -0.87 -1.91 14.10
CA TYR A 466 -0.84 -2.79 15.30
C TYR A 466 0.02 -4.03 15.05
N LEU A 467 0.17 -4.46 13.80
CA LEU A 467 0.84 -5.72 13.46
C LEU A 467 2.18 -5.51 12.74
N ALA A 468 2.32 -4.49 11.91
CA ALA A 468 3.53 -4.27 11.08
C ALA A 468 4.74 -3.72 11.83
N PRO A 469 4.63 -2.75 12.78
CA PRO A 469 5.81 -2.14 13.42
C PRO A 469 6.79 -3.08 14.12
N PRO A 470 6.36 -4.18 14.78
CA PRO A 470 7.32 -5.19 15.20
C PRO A 470 8.16 -5.76 14.06
N VAL A 471 7.55 -5.94 12.91
CA VAL A 471 8.21 -6.50 11.70
C VAL A 471 9.16 -5.43 11.17
N SER A 472 8.73 -4.19 10.97
CA SER A 472 9.62 -3.05 10.61
C SER A 472 10.81 -3.00 11.58
N ALA A 473 10.58 -3.17 12.88
CA ALA A 473 11.62 -3.07 13.94
C ALA A 473 12.66 -4.17 13.79
N VAL A 474 12.28 -5.36 13.36
CA VAL A 474 13.19 -6.53 13.29
C VAL A 474 14.05 -6.40 12.03
N PHE A 475 13.42 -6.11 10.89
CA PHE A 475 14.13 -5.86 9.61
C PHE A 475 15.14 -4.71 9.74
N VAL A 476 14.88 -3.66 10.51
CA VAL A 476 15.79 -2.49 10.71
C VAL A 476 16.97 -3.00 11.54
N LEU A 477 16.68 -3.72 12.62
CA LEU A 477 17.71 -4.33 13.50
C LEU A 477 18.42 -5.52 12.85
N ALA A 478 17.80 -6.23 11.91
CA ALA A 478 18.38 -7.33 11.11
C ALA A 478 19.44 -6.77 10.18
N LEU A 479 19.26 -5.55 9.70
CA LEU A 479 20.04 -4.93 8.62
C LEU A 479 21.13 -4.01 9.18
N PHE A 480 20.92 -3.34 10.33
CA PHE A 480 21.74 -2.23 10.87
C PHE A 480 22.40 -2.55 12.21
N VAL A 481 21.94 -3.52 13.00
CA VAL A 481 22.57 -3.96 14.28
C VAL A 481 22.96 -5.44 14.17
N PRO A 482 24.20 -5.80 13.77
CA PRO A 482 24.57 -7.20 13.64
C PRO A 482 24.56 -8.01 14.96
N ARG A 483 24.59 -7.37 16.15
CA ARG A 483 24.52 -8.09 17.47
C ARG A 483 23.13 -8.70 17.72
N VAL A 484 22.07 -8.22 17.08
CA VAL A 484 20.70 -8.77 17.29
C VAL A 484 20.75 -10.25 16.87
N ASN A 485 20.37 -11.15 17.77
CA ASN A 485 20.40 -12.61 17.56
C ASN A 485 18.96 -13.11 17.42
N GLU A 486 18.81 -14.42 17.25
CA GLU A 486 17.54 -15.10 16.92
C GLU A 486 16.56 -14.93 18.07
N GLN A 487 17.02 -15.11 19.30
CA GLN A 487 16.18 -15.01 20.52
C GLN A 487 15.56 -13.61 20.57
N GLY A 488 16.38 -12.58 20.38
CA GLY A 488 15.91 -11.19 20.34
C GLY A 488 14.91 -10.95 19.22
N ALA A 489 15.25 -11.36 18.01
CA ALA A 489 14.37 -11.14 16.84
C ALA A 489 13.06 -11.91 17.01
N PHE A 490 13.08 -13.15 17.45
CA PHE A 490 11.82 -13.91 17.67
C PHE A 490 10.97 -13.32 18.81
N TRP A 491 11.52 -13.11 19.99
CA TRP A 491 10.75 -12.60 21.16
C TRP A 491 10.41 -11.12 20.99
N GLY A 492 11.16 -10.39 20.17
CA GLY A 492 10.76 -9.05 19.72
C GLY A 492 9.48 -9.10 18.94
N LEU A 493 9.41 -9.99 17.95
CA LEU A 493 8.20 -10.19 17.12
C LEU A 493 7.00 -10.62 17.98
N ILE A 494 7.17 -11.53 18.93
CA ILE A 494 6.05 -12.12 19.70
C ILE A 494 5.57 -11.09 20.74
N GLY A 495 6.46 -10.50 21.51
CA GLY A 495 6.13 -9.39 22.43
C GLY A 495 5.38 -8.28 21.72
N GLY A 496 5.90 -7.84 20.56
CA GLY A 496 5.24 -6.92 19.63
C GLY A 496 3.84 -7.35 19.25
N LEU A 497 3.65 -8.63 18.89
CA LEU A 497 2.31 -9.18 18.53
C LEU A 497 1.39 -9.02 19.74
N LEU A 498 1.86 -9.40 20.92
CA LEU A 498 1.09 -9.27 22.18
C LEU A 498 0.68 -7.79 22.36
N MET A 499 1.56 -6.84 22.13
CA MET A 499 1.26 -5.41 22.40
C MET A 499 0.26 -4.91 21.35
N GLY A 500 0.51 -5.23 20.08
CA GLY A 500 -0.44 -5.04 18.97
C GLY A 500 -1.81 -5.52 19.35
N LEU A 501 -1.95 -6.80 19.67
CA LEU A 501 -3.29 -7.42 19.95
C LEU A 501 -3.94 -6.74 21.15
N ALA A 502 -3.17 -6.24 22.12
CA ALA A 502 -3.68 -5.58 23.34
C ALA A 502 -4.43 -4.30 23.00
N ARG A 503 -4.11 -3.66 21.88
CA ARG A 503 -4.84 -2.50 21.33
C ARG A 503 -5.94 -3.06 20.43
N LEU A 504 -5.55 -3.81 19.41
CA LEU A 504 -6.42 -4.27 18.30
C LEU A 504 -7.69 -4.85 18.89
N ILE A 505 -7.59 -5.85 19.74
CA ILE A 505 -8.80 -6.63 20.19
C ILE A 505 -9.76 -5.67 20.93
N PRO A 506 -9.35 -4.89 21.93
CA PRO A 506 -10.19 -3.91 22.62
C PRO A 506 -10.90 -2.98 21.64
N GLU A 507 -10.10 -2.42 20.73
CA GLU A 507 -10.63 -1.53 19.69
C GLU A 507 -11.75 -2.23 18.92
N PHE A 508 -11.51 -3.41 18.33
CA PHE A 508 -12.49 -4.09 17.43
C PHE A 508 -13.70 -4.57 18.24
N SER A 509 -13.52 -4.76 19.55
CA SER A 509 -14.63 -5.13 20.44
C SER A 509 -15.62 -3.98 20.54
N PHE A 510 -15.13 -2.76 20.76
CA PHE A 510 -15.98 -1.57 21.05
C PHE A 510 -16.61 -1.02 19.76
N GLY A 511 -16.10 -1.35 18.56
CA GLY A 511 -16.55 -0.74 17.28
C GLY A 511 -15.86 0.58 17.01
N SER A 512 -16.27 1.27 15.93
CA SER A 512 -15.86 2.66 15.53
C SER A 512 -17.02 3.65 15.62
N GLY A 513 -18.23 3.25 15.21
CA GLY A 513 -19.39 4.14 15.00
C GLY A 513 -19.02 5.22 14.01
N SER A 514 -19.23 6.48 14.38
CA SER A 514 -19.13 7.65 13.47
C SER A 514 -19.13 8.93 14.28
N CYS A 515 -18.86 10.06 13.62
CA CYS A 515 -18.97 11.41 14.21
C CYS A 515 -20.39 11.65 14.73
N VAL A 516 -21.42 11.28 13.97
CA VAL A 516 -22.83 11.39 14.41
C VAL A 516 -23.08 10.43 15.58
N GLN A 517 -22.67 9.18 15.49
CA GLN A 517 -23.00 8.17 16.55
C GLN A 517 -21.69 7.72 17.15
N PRO A 518 -21.05 8.45 18.10
CA PRO A 518 -19.71 8.07 18.56
C PRO A 518 -19.70 6.63 19.11
N SER A 519 -18.55 5.99 18.97
CA SER A 519 -18.27 4.71 19.65
C SER A 519 -18.04 5.01 21.13
N ALA A 520 -18.19 4.00 21.97
CA ALA A 520 -18.11 4.09 23.43
C ALA A 520 -16.75 3.56 23.87
N CYS A 521 -15.71 3.99 23.20
CA CYS A 521 -14.36 3.47 23.41
C CYS A 521 -13.74 4.41 24.44
N PRO A 522 -12.95 3.93 25.41
CA PRO A 522 -12.17 4.86 26.24
C PRO A 522 -11.17 5.65 25.37
N ALA A 523 -10.77 6.83 25.81
CA ALA A 523 -9.77 7.64 25.08
C ALA A 523 -8.35 7.26 25.52
N PHE A 524 -8.16 6.19 26.29
CA PHE A 524 -6.82 5.65 26.57
C PHE A 524 -6.59 4.40 25.69
N LEU A 525 -7.45 4.12 24.71
CA LEU A 525 -7.23 3.02 23.75
C LEU A 525 -7.18 3.67 22.37
N CYS A 526 -8.35 3.86 21.79
CA CYS A 526 -8.71 4.62 20.57
C CYS A 526 -8.38 6.11 20.66
N GLY A 527 -8.20 6.72 21.86
CA GLY A 527 -7.95 8.18 21.92
C GLY A 527 -6.66 8.60 21.22
N VAL A 528 -5.60 7.84 21.44
CA VAL A 528 -4.28 7.99 20.76
C VAL A 528 -4.45 7.50 19.32
N HIS A 529 -3.93 8.21 18.31
CA HIS A 529 -4.07 7.81 16.88
C HIS A 529 -3.30 6.51 16.69
N TYR A 530 -3.80 5.61 15.87
CA TYR A 530 -3.13 4.32 15.57
C TYR A 530 -1.72 4.55 14.97
N LEU A 531 -1.44 5.59 14.20
CA LEU A 531 -0.06 5.86 13.69
C LEU A 531 0.84 6.35 14.83
N TYR A 532 0.33 6.87 15.93
CA TYR A 532 1.13 7.16 17.15
C TYR A 532 1.45 5.86 17.86
N PHE A 533 0.48 4.96 17.96
CA PHE A 533 0.69 3.60 18.49
C PHE A 533 1.74 2.86 17.64
N ALA A 534 1.79 3.09 16.34
CA ALA A 534 2.77 2.44 15.43
C ALA A 534 4.18 2.83 15.87
N ILE A 535 4.36 4.07 16.30
CA ILE A 535 5.68 4.61 16.72
C ILE A 535 6.07 3.88 18.00
N VAL A 536 5.18 3.91 18.99
CA VAL A 536 5.44 3.33 20.33
C VAL A 536 5.74 1.85 20.19
N LEU A 537 4.93 1.14 19.42
CA LEU A 537 5.07 -0.33 19.23
C LEU A 537 6.38 -0.69 18.53
N PHE A 538 6.83 0.15 17.60
CA PHE A 538 8.12 -0.02 16.89
C PHE A 538 9.29 0.08 17.86
N PHE A 539 9.38 1.18 18.60
CA PHE A 539 10.42 1.38 19.63
C PHE A 539 10.30 0.31 20.74
N CYS A 540 9.12 -0.12 21.17
CA CYS A 540 8.97 -1.16 22.24
C CYS A 540 9.38 -2.57 21.74
N SER A 541 8.95 -3.00 20.54
CA SER A 541 9.45 -4.23 19.85
C SER A 541 10.97 -4.18 19.64
N GLY A 542 11.48 -3.05 19.14
CA GLY A 542 12.91 -2.78 18.95
C GLY A 542 13.69 -2.86 20.25
N LEU A 543 13.20 -2.20 21.30
CA LEU A 543 13.88 -2.17 22.62
C LEU A 543 13.92 -3.60 23.17
N LEU A 544 12.84 -4.37 23.04
CA LEU A 544 12.75 -5.76 23.53
C LEU A 544 13.68 -6.67 22.72
N THR A 545 13.70 -6.51 21.39
CA THR A 545 14.64 -7.22 20.48
C THR A 545 16.08 -6.99 20.94
N LEU A 546 16.51 -5.74 21.08
CA LEU A 546 17.88 -5.38 21.56
C LEU A 546 18.13 -5.95 22.97
N THR A 547 17.17 -5.85 23.87
CA THR A 547 17.34 -6.22 25.30
C THR A 547 17.57 -7.73 25.39
N VAL A 548 16.71 -8.53 24.75
CA VAL A 548 16.77 -10.03 24.76
C VAL A 548 18.02 -10.47 24.00
N SER A 549 18.38 -9.77 22.92
CA SER A 549 19.62 -10.02 22.15
C SER A 549 20.84 -9.88 23.06
N LEU A 550 20.94 -8.74 23.74
CA LEU A 550 22.10 -8.38 24.61
C LEU A 550 22.16 -9.32 25.83
N CYS A 551 21.05 -9.92 26.27
CA CYS A 551 20.98 -10.82 27.45
C CYS A 551 20.98 -12.30 27.06
N THR A 552 21.44 -12.66 25.85
CA THR A 552 21.63 -14.06 25.36
C THR A 552 23.03 -14.15 24.72
N ALA A 553 23.41 -15.29 24.15
CA ALA A 553 24.72 -15.55 23.53
C ALA A 553 24.81 -14.86 22.17
N PRO A 554 25.90 -14.11 21.85
CA PRO A 554 26.09 -13.54 20.52
C PRO A 554 26.44 -14.70 19.59
N ILE A 555 25.64 -14.89 18.53
CA ILE A 555 25.73 -16.03 17.57
C ILE A 555 26.57 -15.49 16.40
N PRO A 556 27.90 -15.78 16.27
CA PRO A 556 28.63 -15.48 15.03
C PRO A 556 27.88 -16.26 13.96
N ARG A 557 27.40 -15.58 12.92
CA ARG A 557 26.42 -16.13 11.95
C ARG A 557 27.21 -16.56 10.73
N LYS A 558 27.49 -17.86 10.63
CA LYS A 558 28.67 -18.40 9.90
C LYS A 558 29.80 -17.43 10.27
N HIS A 559 30.45 -16.75 9.36
CA HIS A 559 31.07 -15.43 9.67
C HIS A 559 30.68 -14.43 8.58
N LEU A 560 30.11 -14.93 7.49
CA LEU A 560 29.44 -14.15 6.44
C LEU A 560 28.45 -13.15 7.06
N HIS A 561 28.49 -11.93 6.56
CA HIS A 561 27.53 -10.87 6.91
C HIS A 561 27.45 -10.00 5.65
N ARG A 562 27.11 -10.69 4.55
CA ARG A 562 26.40 -10.16 3.38
C ARG A 562 24.88 -10.20 3.66
N LEU A 563 24.47 -10.47 4.88
CA LEU A 563 23.07 -10.48 5.30
C LEU A 563 22.81 -9.21 6.10
N VAL A 564 23.67 -8.21 6.00
CA VAL A 564 23.55 -7.02 6.86
C VAL A 564 23.87 -5.86 5.93
N PHE A 565 23.61 -4.65 6.36
CA PHE A 565 23.98 -3.48 5.55
C PHE A 565 25.37 -3.09 5.96
N SER A 566 26.19 -2.74 4.98
CA SER A 566 27.46 -2.01 5.18
C SER A 566 27.83 -1.29 3.89
N LEU A 567 28.79 -0.38 4.00
CA LEU A 567 29.45 0.22 2.83
C LEU A 567 30.65 -0.69 2.46
N ARG A 568 31.34 -1.31 3.43
CA ARG A 568 32.66 -2.01 3.27
C ARG A 568 32.50 -3.47 2.80
N HIS A 569 32.34 -3.66 1.49
CA HIS A 569 32.23 -4.95 0.73
C HIS A 569 30.91 -5.69 1.02
N SER A 570 29.98 -5.21 1.88
CA SER A 570 28.62 -5.79 2.00
C SER A 570 28.72 -7.31 2.08
N LYS A 571 29.66 -7.83 2.84
CA LYS A 571 29.83 -9.30 2.80
C LYS A 571 30.76 -9.79 3.87
N GLU A 572 31.21 -11.01 3.71
CA GLU A 572 32.09 -11.75 4.63
C GLU A 572 31.80 -13.20 4.33
N GLU A 573 32.73 -14.08 4.57
CA GLU A 573 32.47 -15.53 4.45
C GLU A 573 32.98 -16.22 5.71
N LEU A 644 25.61 -12.98 -10.51
CA LEU A 644 25.66 -13.91 -9.34
C LEU A 644 25.25 -13.14 -8.07
N GLU A 645 26.10 -12.96 -7.06
CA GLU A 645 25.75 -12.27 -5.80
C GLU A 645 26.57 -10.97 -5.72
N ASP A 646 26.98 -10.40 -6.88
CA ASP A 646 27.80 -9.18 -7.00
C ASP A 646 26.87 -8.02 -7.36
N ILE A 647 26.63 -7.13 -6.40
CA ILE A 647 25.72 -5.93 -6.50
C ILE A 647 26.49 -4.68 -6.95
N SER A 648 27.73 -4.80 -7.44
CA SER A 648 28.49 -3.69 -8.09
C SER A 648 27.79 -3.35 -9.41
N GLU A 649 27.37 -2.09 -9.60
CA GLU A 649 26.79 -1.59 -10.88
C GLU A 649 27.82 -0.69 -11.59
N ASP A 650 27.58 -0.43 -12.89
CA ASP A 650 28.34 0.53 -13.75
C ASP A 650 28.34 1.88 -13.07
N PRO A 651 29.51 2.53 -12.77
CA PRO A 651 29.51 3.84 -12.10
C PRO A 651 28.71 4.97 -12.78
N SER A 652 28.58 4.96 -14.12
CA SER A 652 27.81 5.98 -14.88
C SER A 652 26.32 5.82 -14.54
N TRP A 653 25.78 4.62 -14.70
CA TRP A 653 24.36 4.32 -14.41
C TRP A 653 24.07 4.41 -12.91
N ALA A 654 25.02 4.05 -12.03
CA ALA A 654 24.97 4.36 -10.58
C ALA A 654 24.75 5.85 -10.40
N ARG A 655 25.64 6.67 -11.01
CA ARG A 655 25.61 8.15 -10.88
C ARG A 655 24.20 8.65 -11.28
N VAL A 656 23.65 8.13 -12.36
CA VAL A 656 22.35 8.58 -12.93
C VAL A 656 21.24 8.32 -11.91
N VAL A 657 21.07 7.08 -11.46
CA VAL A 657 19.96 6.75 -10.51
C VAL A 657 20.15 7.50 -9.18
N ASN A 658 21.38 7.73 -8.73
CA ASN A 658 21.65 8.43 -7.45
C ASN A 658 21.19 9.88 -7.53
N LEU A 659 21.41 10.53 -8.67
CA LEU A 659 21.00 11.94 -8.88
C LEU A 659 19.48 12.02 -9.11
N ASN A 660 18.88 11.08 -9.84
CA ASN A 660 17.39 11.05 -10.01
C ASN A 660 16.68 10.74 -8.68
N ALA A 661 17.26 10.00 -7.74
CA ALA A 661 16.68 9.77 -6.39
C ALA A 661 16.67 11.08 -5.60
N LEU A 662 17.75 11.86 -5.64
CA LEU A 662 17.81 13.18 -4.95
C LEU A 662 16.87 14.17 -5.64
N LEU A 663 16.74 14.13 -6.97
CA LEU A 663 15.80 15.03 -7.67
C LEU A 663 14.38 14.66 -7.23
N MET A 664 14.06 13.37 -7.25
CA MET A 664 12.72 12.82 -6.90
C MET A 664 12.39 13.17 -5.45
N MET A 665 13.34 13.11 -4.54
CA MET A 665 13.13 13.57 -3.14
C MET A 665 12.87 15.08 -3.09
N ALA A 666 13.58 15.88 -3.88
CA ALA A 666 13.49 17.36 -3.84
C ALA A 666 12.06 17.75 -4.28
N VAL A 667 11.57 17.13 -5.35
CA VAL A 667 10.18 17.29 -5.91
C VAL A 667 9.14 16.90 -4.85
N ALA A 668 9.34 15.78 -4.18
CA ALA A 668 8.50 15.29 -3.07
C ALA A 668 8.41 16.35 -1.97
N VAL A 669 9.56 16.79 -1.49
CA VAL A 669 9.68 17.70 -0.32
C VAL A 669 9.05 19.05 -0.70
N PHE A 670 9.25 19.49 -1.93
CA PHE A 670 8.55 20.65 -2.49
C PHE A 670 7.05 20.45 -2.30
N LEU A 671 6.52 19.31 -2.76
CA LEU A 671 5.05 19.04 -2.72
C LEU A 671 4.59 18.87 -1.27
N TRP A 672 5.38 18.30 -0.38
CA TRP A 672 5.07 18.29 1.07
C TRP A 672 5.04 19.71 1.62
N GLY A 673 6.01 20.55 1.26
CA GLY A 673 6.08 21.98 1.64
C GLY A 673 4.86 22.73 1.13
N PHE A 674 4.54 22.57 -0.15
CA PHE A 674 3.42 23.26 -0.84
C PHE A 674 2.10 23.07 -0.12
N TYR A 675 1.73 21.81 0.18
CA TYR A 675 0.42 21.43 0.79
C TYR A 675 0.51 21.22 2.29
N ALA A 676 1.63 21.48 2.95
CA ALA A 676 1.68 21.45 4.44
C ALA A 676 0.81 22.58 4.98
N GLN B 28 2.10 31.96 1.57
CA GLN B 28 2.08 31.53 0.13
C GLN B 28 2.55 30.08 0.07
N PRO B 29 1.81 29.12 -0.56
CA PRO B 29 2.29 27.75 -0.80
C PRO B 29 3.66 27.54 -1.48
N TRP B 30 3.95 28.32 -2.53
CA TRP B 30 5.20 28.26 -3.35
C TRP B 30 6.42 28.43 -2.45
N MET B 31 6.40 29.44 -1.57
CA MET B 31 7.49 29.75 -0.61
C MET B 31 7.64 28.63 0.43
N GLN B 32 6.56 28.01 0.90
CA GLN B 32 6.63 26.86 1.85
C GLN B 32 7.33 25.70 1.18
N GLY B 33 6.99 25.45 -0.09
CA GLY B 33 7.62 24.47 -0.98
C GLY B 33 9.11 24.70 -1.08
N LEU B 34 9.50 25.90 -1.50
CA LEU B 34 10.93 26.30 -1.68
C LEU B 34 11.72 26.18 -0.36
N ILE B 35 11.15 26.60 0.76
CA ILE B 35 11.84 26.54 2.08
C ILE B 35 12.04 25.05 2.48
N ALA B 36 11.06 24.19 2.25
CA ALA B 36 11.16 22.70 2.44
C ALA B 36 12.32 22.16 1.61
N VAL B 37 12.39 22.51 0.32
CA VAL B 37 13.45 22.07 -0.64
C VAL B 37 14.80 22.59 -0.17
N ALA B 38 14.90 23.87 0.19
CA ALA B 38 16.13 24.54 0.70
C ALA B 38 16.71 23.74 1.86
N VAL B 39 15.88 23.49 2.87
CA VAL B 39 16.24 22.71 4.10
C VAL B 39 16.66 21.29 3.71
N PHE B 40 16.00 20.66 2.74
CA PHE B 40 16.34 19.29 2.25
C PHE B 40 17.73 19.28 1.57
N LEU B 41 18.04 20.28 0.74
CA LEU B 41 19.37 20.42 0.08
C LEU B 41 20.46 20.72 1.13
N VAL B 42 20.15 21.43 2.20
CA VAL B 42 21.08 21.62 3.36
C VAL B 42 21.32 20.25 4.03
N LEU B 43 20.26 19.47 4.29
CA LEU B 43 20.40 18.14 4.97
C LEU B 43 21.17 17.14 4.08
N VAL B 44 21.02 17.19 2.75
CA VAL B 44 21.76 16.26 1.84
C VAL B 44 23.23 16.70 1.79
N ALA B 45 23.51 18.01 1.79
CA ALA B 45 24.88 18.58 1.93
C ALA B 45 25.52 18.14 3.27
N ILE B 46 24.77 18.15 4.38
CA ILE B 46 25.20 17.63 5.71
C ILE B 46 25.52 16.13 5.60
N ALA B 47 24.72 15.33 4.89
CA ALA B 47 24.92 13.87 4.71
C ALA B 47 26.24 13.61 3.98
N PHE B 48 26.50 14.35 2.89
CA PHE B 48 27.77 14.27 2.12
C PHE B 48 28.94 14.75 2.98
N ALA B 49 28.76 15.80 3.80
CA ALA B 49 29.81 16.28 4.75
C ALA B 49 30.16 15.18 5.75
N VAL B 50 29.16 14.62 6.46
CA VAL B 50 29.40 13.68 7.60
C VAL B 50 30.07 12.40 7.08
N ASN B 51 29.58 11.79 5.99
CA ASN B 51 30.16 10.52 5.46
C ASN B 51 31.54 10.78 4.83
N HIS B 52 31.79 11.95 4.21
CA HIS B 52 33.10 12.32 3.59
C HIS B 52 34.20 12.44 4.65
N PHE B 53 33.92 13.01 5.83
CA PHE B 53 34.88 13.19 6.94
C PHE B 53 34.87 12.02 7.95
N TRP B 54 33.79 11.22 8.09
CA TRP B 54 33.66 10.19 9.18
C TRP B 54 33.61 8.74 8.67
N CYS B 55 33.54 8.46 7.35
CA CYS B 55 33.64 7.07 6.79
C CYS B 55 35.03 6.81 6.18
N GLN B 56 35.60 7.79 5.45
CA GLN B 56 37.02 7.78 4.96
C GLN B 56 37.92 8.33 6.07
#